data_6SNY
#
_entry.id   6SNY
#
_cell.length_a   112.729
_cell.length_b   112.729
_cell.length_c   168.492
_cell.angle_alpha   90.000
_cell.angle_beta   90.000
_cell.angle_gamma   120.000
#
_symmetry.space_group_name_H-M   'P 32 2 1'
#
loop_
_entity.id
_entity.type
_entity.pdbx_description
1 polymer 'Synthetic EPCR binding protein'
2 polymer 'Endothelial protein C receptor'
3 branched alpha-D-mannopyranose-(1-4)-2-acetamido-2-deoxy-beta-D-glucopyranose-(1-4)-2-acetamido-2-deoxy-beta-D-glucopyranose
4 branched 2-acetamido-2-deoxy-beta-D-glucopyranose-(1-4)-2-acetamido-2-deoxy-beta-D-glucopyranose
5 non-polymer PHOSPHATIDYLETHANOLAMINE
6 non-polymer 2-acetamido-2-deoxy-beta-D-glucopyranose
#
loop_
_entity_poly.entity_id
_entity_poly.type
_entity_poly.pdbx_seq_one_letter_code
_entity_poly.pdbx_strand_id
1 'polypeptide(L)'
;NNWEQQKKNIEDDLDRYKKRAEELRKEAEKARKEARKTEDPTEEAKKEWEKRCKELEERARKLEDEAKDRVNDLFDSNFF
QVIYSGDNDEEEWKKEKDRAEKEIEEWFKRIKEKCEEIKKRLEQ
;
A
2 'polypeptide(L)'
;SQDASDGLQRLHMLQISYFRDPYHVWYQGNASLGGHLTHVLEGPDTNTTIIQLQPLQEPESWARTQSGLQSYLLQFHGLV
RLVHQERTLAFPLTIRCFLGCELPPEGSRAHVFFEVAVNGSSFVSFRPERALWQADTQVTSGVVTFTLQQLNAYNRTRYE
LREFLEDTCVQYVQKHISAENTKGSQTSRSYTS
;
B,C
#
# COMPACT_ATOMS: atom_id res chain seq x y z
N ASN A 1 13.96 -22.57 6.56
CA ASN A 1 15.37 -22.84 6.34
C ASN A 1 15.89 -22.16 5.04
N ASN A 2 14.96 -21.59 4.24
CA ASN A 2 15.21 -20.84 2.99
C ASN A 2 16.01 -19.60 3.39
N TRP A 3 15.45 -18.82 4.37
CA TRP A 3 16.02 -17.61 4.94
C TRP A 3 17.35 -17.90 5.68
N GLU A 4 17.48 -19.11 6.31
CA GLU A 4 18.71 -19.53 7.00
C GLU A 4 19.86 -19.56 6.01
N GLN A 5 19.62 -20.21 4.87
CA GLN A 5 20.52 -20.33 3.74
C GLN A 5 20.84 -18.93 3.18
N GLN A 6 19.81 -18.06 3.06
CA GLN A 6 19.97 -16.71 2.53
C GLN A 6 20.72 -15.75 3.45
N LYS A 7 20.72 -16.01 4.78
CA LYS A 7 21.46 -15.18 5.73
C LYS A 7 22.93 -15.52 5.58
N LYS A 8 23.24 -16.83 5.37
CA LYS A 8 24.59 -17.36 5.14
C LYS A 8 25.20 -16.65 3.91
N ASN A 9 24.41 -16.50 2.83
CA ASN A 9 24.84 -15.81 1.61
C ASN A 9 25.14 -14.33 1.85
N ILE A 10 24.26 -13.64 2.61
CA ILE A 10 24.45 -12.25 3.04
C ILE A 10 25.79 -12.14 3.80
N GLU A 11 26.01 -13.03 4.81
CA GLU A 11 27.21 -13.12 5.63
C GLU A 11 28.45 -13.21 4.75
N ASP A 12 28.49 -14.20 3.80
CA ASP A 12 29.58 -14.44 2.83
C ASP A 12 30.01 -13.17 2.13
N ASP A 13 29.02 -12.41 1.62
CA ASP A 13 29.23 -11.16 0.92
C ASP A 13 29.95 -10.18 1.81
N LEU A 14 29.43 -9.97 3.03
CA LEU A 14 30.02 -9.07 4.02
C LEU A 14 31.41 -9.50 4.40
N ASP A 15 31.62 -10.81 4.65
CA ASP A 15 32.90 -11.41 5.02
C ASP A 15 33.90 -11.28 3.88
N ARG A 16 33.42 -11.31 2.64
CA ARG A 16 34.28 -11.19 1.48
C ARG A 16 34.72 -9.75 1.31
N TYR A 17 33.74 -8.81 1.35
CA TYR A 17 33.95 -7.38 1.22
C TYR A 17 34.75 -6.81 2.41
N LYS A 18 34.72 -7.49 3.60
CA LYS A 18 35.47 -7.11 4.81
C LYS A 18 36.93 -7.37 4.56
N LYS A 19 37.26 -8.63 4.21
CA LYS A 19 38.62 -9.05 3.87
C LYS A 19 39.14 -8.29 2.66
N ARG A 20 38.26 -7.85 1.75
CA ARG A 20 38.66 -7.04 0.60
C ARG A 20 38.99 -5.63 1.07
N ALA A 21 38.21 -5.12 2.05
CA ALA A 21 38.42 -3.80 2.65
C ALA A 21 39.73 -3.75 3.44
N GLU A 22 40.10 -4.86 4.15
CA GLU A 22 41.34 -4.88 4.93
C GLU A 22 42.57 -5.08 4.04
N GLU A 23 42.41 -5.76 2.89
CA GLU A 23 43.44 -5.93 1.86
C GLU A 23 43.88 -4.49 1.44
N LEU A 24 42.93 -3.55 1.48
CA LEU A 24 43.11 -2.13 1.17
C LEU A 24 43.62 -1.30 2.37
N ARG A 25 43.13 -1.58 3.61
CA ARG A 25 43.54 -0.89 4.84
C ARG A 25 45.05 -1.11 5.10
N LYS A 26 45.55 -2.34 4.85
CA LYS A 26 46.96 -2.73 5.03
C LYS A 26 47.86 -2.05 3.99
N GLU A 27 47.32 -1.84 2.77
CA GLU A 27 47.97 -1.15 1.65
C GLU A 27 48.12 0.33 2.04
N ALA A 28 47.08 0.87 2.68
CA ALA A 28 47.03 2.25 3.17
C ALA A 28 47.88 2.44 4.44
N GLU A 29 48.21 1.36 5.18
CA GLU A 29 49.05 1.45 6.39
C GLU A 29 50.55 1.31 6.03
N LYS A 30 50.86 0.52 5.00
CA LYS A 30 52.22 0.30 4.49
C LYS A 30 52.73 1.52 3.69
N ALA A 31 51.79 2.33 3.12
CA ALA A 31 52.08 3.55 2.34
C ALA A 31 52.13 4.84 3.20
N ARG A 32 51.61 4.78 4.45
CA ARG A 32 51.66 5.90 5.41
C ARG A 32 52.88 5.75 6.35
N LYS A 33 53.29 4.48 6.61
CA LYS A 33 54.47 4.15 7.41
C LYS A 33 55.67 4.06 6.43
N GLU A 34 55.71 5.04 5.49
CA GLU A 34 56.68 5.26 4.40
C GLU A 34 56.77 6.75 4.06
N LYS A 47 54.80 12.77 -2.67
CA LYS A 47 54.26 13.25 -3.94
C LYS A 47 53.67 12.12 -4.76
N GLU A 48 54.52 11.15 -5.15
CA GLU A 48 54.11 9.96 -5.90
C GLU A 48 53.32 9.05 -4.98
N TRP A 49 53.79 8.88 -3.71
CA TRP A 49 53.10 8.09 -2.69
C TRP A 49 51.75 8.75 -2.37
N GLU A 50 51.65 10.07 -2.55
CA GLU A 50 50.44 10.89 -2.33
C GLU A 50 49.36 10.56 -3.36
N LYS A 51 49.75 10.07 -4.56
CA LYS A 51 48.84 9.65 -5.62
C LYS A 51 48.41 8.23 -5.33
N ARG A 52 49.28 7.47 -4.62
CA ARG A 52 49.03 6.11 -4.14
C ARG A 52 47.82 6.21 -3.19
N CYS A 53 47.55 7.45 -2.71
CA CYS A 53 46.41 7.79 -1.86
C CYS A 53 45.15 7.97 -2.71
N LYS A 54 45.21 8.73 -3.84
CA LYS A 54 44.03 8.89 -4.73
C LYS A 54 43.59 7.51 -5.24
N GLU A 55 44.56 6.67 -5.67
CA GLU A 55 44.31 5.31 -6.16
C GLU A 55 43.73 4.41 -5.05
N LEU A 56 44.03 4.73 -3.78
CA LEU A 56 43.50 3.99 -2.65
C LEU A 56 42.13 4.52 -2.29
N GLU A 57 41.90 5.83 -2.44
CA GLU A 57 40.62 6.51 -2.19
C GLU A 57 39.58 6.01 -3.19
N GLU A 58 40.01 5.87 -4.47
CA GLU A 58 39.18 5.41 -5.57
C GLU A 58 38.79 3.94 -5.41
N ARG A 59 39.78 3.02 -5.38
CA ARG A 59 39.58 1.58 -5.20
C ARG A 59 38.68 1.32 -3.97
N ALA A 60 38.89 2.09 -2.88
CA ALA A 60 38.12 1.97 -1.62
C ALA A 60 36.68 2.42 -1.73
N ARG A 61 36.40 3.51 -2.49
CA ARG A 61 35.02 4.00 -2.64
C ARG A 61 34.22 3.13 -3.60
N LYS A 62 34.86 2.72 -4.71
CA LYS A 62 34.32 1.83 -5.73
C LYS A 62 33.96 0.49 -5.07
N LEU A 63 34.82 0.00 -4.18
CA LEU A 63 34.61 -1.22 -3.41
C LEU A 63 33.41 -1.07 -2.48
N GLU A 64 33.33 0.06 -1.76
CA GLU A 64 32.24 0.32 -0.84
C GLU A 64 30.91 0.19 -1.57
N ASP A 65 30.69 1.05 -2.58
CA ASP A 65 29.47 1.08 -3.40
C ASP A 65 29.02 -0.31 -3.85
N GLU A 66 29.93 -1.09 -4.49
CA GLU A 66 29.66 -2.48 -4.92
C GLU A 66 29.08 -3.27 -3.76
N ALA A 67 29.85 -3.35 -2.66
CA ALA A 67 29.50 -4.02 -1.41
C ALA A 67 28.12 -3.60 -0.92
N LYS A 68 27.85 -2.28 -0.92
CA LYS A 68 26.60 -1.71 -0.42
C LYS A 68 25.41 -2.05 -1.32
N ASP A 69 25.65 -2.13 -2.64
CA ASP A 69 24.58 -2.42 -3.58
C ASP A 69 24.26 -3.91 -3.63
N ARG A 70 25.28 -4.77 -3.67
CA ARG A 70 25.09 -6.24 -3.70
C ARG A 70 24.37 -6.76 -2.47
N VAL A 71 24.66 -6.18 -1.30
CA VAL A 71 24.13 -6.58 -0.01
C VAL A 71 22.71 -6.07 0.17
N ASN A 72 22.41 -4.84 -0.31
CA ASN A 72 21.06 -4.28 -0.24
C ASN A 72 20.10 -5.06 -1.11
N ASP A 73 20.58 -5.48 -2.34
CA ASP A 73 19.91 -6.32 -3.34
C ASP A 73 19.50 -7.65 -2.71
N LEU A 74 20.35 -8.15 -1.77
CA LEU A 74 20.17 -9.39 -0.99
C LEU A 74 19.02 -9.18 -0.01
N PHE A 75 19.06 -8.05 0.70
CA PHE A 75 18.05 -7.70 1.67
C PHE A 75 16.68 -7.50 0.99
N ASP A 76 16.59 -6.64 -0.04
CA ASP A 76 15.39 -6.40 -0.82
C ASP A 76 14.79 -7.71 -1.39
N SER A 77 15.65 -8.69 -1.72
CA SER A 77 15.16 -9.96 -2.26
C SER A 77 14.60 -10.88 -1.17
N ASN A 78 15.14 -10.75 0.04
CA ASN A 78 14.66 -11.54 1.16
C ASN A 78 13.71 -10.69 2.06
N PHE A 79 12.86 -9.86 1.44
CA PHE A 79 12.00 -9.01 2.23
C PHE A 79 10.99 -9.86 2.92
N PHE A 80 10.20 -10.65 2.15
CA PHE A 80 9.09 -11.46 2.67
C PHE A 80 9.56 -12.79 3.31
N GLN A 81 10.69 -13.37 2.88
CA GLN A 81 11.21 -14.60 3.48
C GLN A 81 11.61 -14.34 4.94
N VAL A 82 12.40 -13.28 5.20
CA VAL A 82 12.76 -12.87 6.56
C VAL A 82 11.54 -12.40 7.41
N ILE A 83 10.62 -11.57 6.87
CA ILE A 83 9.53 -11.07 7.70
C ILE A 83 8.44 -12.13 7.91
N TYR A 84 8.28 -13.08 6.95
CA TYR A 84 7.34 -14.21 7.10
C TYR A 84 7.84 -15.30 8.09
N SER A 85 9.12 -15.21 8.57
CA SER A 85 9.70 -16.14 9.54
C SER A 85 9.00 -16.16 10.92
N GLY A 86 8.32 -15.06 11.28
CA GLY A 86 7.54 -14.97 12.53
C GLY A 86 8.19 -14.29 13.72
N ASP A 87 9.50 -14.53 13.94
CA ASP A 87 10.27 -13.90 15.03
C ASP A 87 11.30 -12.91 14.45
N ASN A 88 10.88 -12.29 13.31
CA ASN A 88 11.54 -11.24 12.52
C ASN A 88 10.39 -10.43 11.84
N ASP A 89 10.50 -9.10 11.82
CA ASP A 89 9.48 -8.21 11.24
C ASP A 89 10.08 -7.06 10.45
N GLU A 90 9.23 -6.32 9.68
CA GLU A 90 9.57 -5.18 8.85
C GLU A 90 10.59 -4.22 9.46
N GLU A 91 10.34 -3.84 10.75
CA GLU A 91 11.14 -2.93 11.59
C GLU A 91 12.54 -3.49 11.77
N GLU A 92 12.60 -4.79 12.11
CA GLU A 92 13.82 -5.57 12.33
C GLU A 92 14.53 -5.87 11.00
N TRP A 93 13.79 -5.93 9.90
CA TRP A 93 14.40 -6.14 8.59
C TRP A 93 15.08 -4.83 8.22
N LYS A 94 14.39 -3.69 8.44
CA LYS A 94 14.93 -2.37 8.14
C LYS A 94 16.04 -2.04 9.10
N LYS A 95 15.98 -2.59 10.33
CA LYS A 95 16.99 -2.39 11.37
C LYS A 95 18.29 -3.09 10.92
N GLU A 96 18.18 -4.39 10.55
CA GLU A 96 19.26 -5.26 10.07
C GLU A 96 19.93 -4.72 8.81
N LYS A 97 19.12 -4.21 7.87
CA LYS A 97 19.56 -3.66 6.60
C LYS A 97 20.48 -2.44 6.79
N ASP A 98 20.14 -1.56 7.76
CA ASP A 98 20.90 -0.35 8.09
C ASP A 98 22.13 -0.72 8.94
N ARG A 99 22.00 -1.73 9.83
CA ARG A 99 23.04 -2.29 10.70
C ARG A 99 24.22 -2.83 9.87
N ALA A 100 23.91 -3.35 8.66
CA ALA A 100 24.84 -3.90 7.68
C ALA A 100 25.35 -2.80 6.79
N GLU A 101 24.50 -1.83 6.44
CA GLU A 101 24.87 -0.68 5.60
C GLU A 101 25.92 0.14 6.35
N LYS A 102 25.70 0.37 7.66
CA LYS A 102 26.62 1.10 8.50
C LYS A 102 27.86 0.29 8.84
N GLU A 103 27.79 -1.07 8.74
CA GLU A 103 28.94 -1.93 8.97
C GLU A 103 29.95 -1.72 7.84
N ILE A 104 29.45 -1.61 6.60
CA ILE A 104 30.26 -1.35 5.41
C ILE A 104 30.85 0.05 5.50
N GLU A 105 30.02 1.09 5.69
CA GLU A 105 30.44 2.48 5.82
C GLU A 105 31.68 2.64 6.70
N GLU A 106 31.65 2.01 7.89
CA GLU A 106 32.70 2.00 8.92
C GLU A 106 34.11 1.74 8.36
N TRP A 107 34.23 0.73 7.48
CA TRP A 107 35.51 0.36 6.87
C TRP A 107 36.05 1.49 6.01
N PHE A 108 35.19 2.15 5.22
CA PHE A 108 35.57 3.31 4.41
C PHE A 108 36.19 4.41 5.26
N LYS A 109 35.64 4.64 6.48
CA LYS A 109 36.13 5.63 7.43
C LYS A 109 37.53 5.25 7.90
N ARG A 110 37.77 3.94 8.14
CA ARG A 110 39.07 3.41 8.56
C ARG A 110 40.16 3.75 7.53
N ILE A 111 39.85 3.56 6.23
CA ILE A 111 40.77 3.84 5.12
C ILE A 111 41.00 5.32 4.93
N LYS A 112 39.91 6.07 4.64
CA LYS A 112 39.94 7.52 4.40
C LYS A 112 40.76 8.24 5.48
N GLU A 113 40.53 7.87 6.76
CA GLU A 113 41.23 8.42 7.91
C GLU A 113 42.76 8.43 7.71
N LYS A 114 43.34 7.26 7.39
CA LYS A 114 44.78 7.12 7.14
C LYS A 114 45.29 8.18 6.15
N CYS A 115 44.64 8.27 4.98
CA CYS A 115 44.97 9.23 3.92
C CYS A 115 44.94 10.67 4.44
N GLU A 116 43.81 11.08 5.05
CA GLU A 116 43.64 12.43 5.60
C GLU A 116 44.76 12.78 6.61
N GLU A 117 45.19 11.79 7.41
CA GLU A 117 46.26 11.96 8.41
C GLU A 117 47.60 12.16 7.72
N ILE A 118 47.96 11.24 6.81
CA ILE A 118 49.20 11.29 6.04
C ILE A 118 49.28 12.55 5.16
N LYS A 119 48.14 13.25 4.95
CA LYS A 119 48.11 14.48 4.16
C LYS A 119 49.06 15.55 4.73
N GLN B 9 -3.42 16.41 -15.70
CA GLN B 9 -3.76 15.15 -16.37
C GLN B 9 -3.30 13.88 -15.59
N ARG B 10 -2.47 12.95 -16.18
CA ARG B 10 -2.19 11.64 -15.55
C ARG B 10 -0.85 10.94 -15.84
N LEU B 11 -0.53 9.87 -15.00
CA LEU B 11 0.67 9.03 -15.13
C LEU B 11 0.22 7.60 -14.98
N HIS B 12 0.29 6.84 -16.07
CA HIS B 12 -0.09 5.43 -16.07
C HIS B 12 1.14 4.59 -16.26
N MET B 13 1.24 3.48 -15.50
CA MET B 13 2.38 2.58 -15.60
C MET B 13 1.95 1.16 -15.84
N LEU B 14 2.65 0.52 -16.78
CA LEU B 14 2.39 -0.87 -17.08
C LEU B 14 3.62 -1.74 -16.86
N GLN B 15 3.43 -2.86 -16.15
CA GLN B 15 4.50 -3.81 -15.88
C GLN B 15 4.02 -5.24 -16.19
N ILE B 16 4.74 -5.95 -17.09
CA ILE B 16 4.45 -7.32 -17.52
C ILE B 16 5.63 -8.19 -17.14
N SER B 17 5.37 -9.16 -16.23
CA SER B 17 6.36 -10.08 -15.68
C SER B 17 6.08 -11.52 -16.15
N TYR B 18 7.04 -12.12 -16.90
CA TYR B 18 6.96 -13.47 -17.50
C TYR B 18 7.80 -14.42 -16.67
N PHE B 19 7.12 -15.32 -15.92
CA PHE B 19 7.79 -16.30 -15.09
C PHE B 19 7.76 -17.65 -15.77
N ARG B 20 8.94 -18.13 -16.19
CA ARG B 20 9.07 -19.44 -16.82
C ARG B 20 9.05 -20.46 -15.66
N ASP B 21 9.64 -20.05 -14.52
CA ASP B 21 9.82 -20.81 -13.29
C ASP B 21 9.96 -19.86 -12.06
N PRO B 22 10.02 -20.37 -10.79
CA PRO B 22 10.13 -19.44 -9.66
C PRO B 22 11.35 -18.55 -9.62
N TYR B 23 12.48 -19.03 -10.15
CA TYR B 23 13.80 -18.40 -10.07
C TYR B 23 14.07 -17.31 -11.03
N HIS B 24 13.37 -17.28 -12.17
CA HIS B 24 13.63 -16.33 -13.24
C HIS B 24 12.43 -15.72 -13.85
N VAL B 25 12.46 -14.38 -13.98
CA VAL B 25 11.44 -13.56 -14.61
C VAL B 25 12.01 -12.64 -15.72
N TRP B 26 11.17 -12.32 -16.71
CA TRP B 26 11.55 -11.38 -17.74
C TRP B 26 10.55 -10.22 -17.65
N TYR B 27 11.06 -9.01 -17.43
CA TYR B 27 10.20 -7.85 -17.33
C TYR B 27 10.12 -7.08 -18.64
N GLN B 28 8.95 -6.48 -18.86
CA GLN B 28 8.63 -5.68 -20.00
C GLN B 28 7.55 -4.68 -19.48
N GLY B 29 7.77 -3.40 -19.70
CA GLY B 29 6.85 -2.35 -19.30
C GLY B 29 7.16 -0.97 -19.86
N ASN B 30 6.21 -0.07 -19.67
CA ASN B 30 6.30 1.31 -20.10
C ASN B 30 5.49 2.21 -19.14
N ALA B 31 5.72 3.54 -19.23
CA ALA B 31 4.97 4.56 -18.49
C ALA B 31 4.56 5.68 -19.47
N SER B 32 3.35 6.22 -19.31
CA SER B 32 2.90 7.33 -20.14
C SER B 32 2.31 8.48 -19.35
N LEU B 33 2.92 9.66 -19.50
CA LEU B 33 2.50 10.90 -18.86
C LEU B 33 1.66 11.70 -19.86
N GLY B 34 0.45 12.01 -19.45
CA GLY B 34 -0.50 12.78 -20.24
C GLY B 34 -0.66 12.26 -21.64
N GLY B 35 -0.80 10.94 -21.74
CA GLY B 35 -1.00 10.21 -23.00
C GLY B 35 0.21 9.95 -23.86
N HIS B 36 1.39 10.49 -23.47
CA HIS B 36 2.66 10.33 -24.17
C HIS B 36 3.57 9.32 -23.49
N LEU B 37 4.18 8.39 -24.27
CA LEU B 37 5.13 7.42 -23.73
C LEU B 37 6.32 8.15 -23.16
N THR B 38 6.73 7.80 -21.93
CA THR B 38 7.84 8.49 -21.26
C THR B 38 8.97 7.60 -20.76
N HIS B 39 8.64 6.36 -20.38
CA HIS B 39 9.61 5.41 -19.84
C HIS B 39 9.37 4.05 -20.38
N VAL B 40 10.44 3.27 -20.46
CA VAL B 40 10.40 1.90 -20.89
C VAL B 40 11.29 1.09 -19.93
N LEU B 41 10.86 -0.16 -19.68
CA LEU B 41 11.49 -1.13 -18.80
C LEU B 41 11.55 -2.46 -19.55
N GLU B 42 12.71 -3.08 -19.60
CA GLU B 42 12.92 -4.37 -20.24
C GLU B 42 14.14 -5.07 -19.67
N GLY B 43 14.05 -6.38 -19.52
CA GLY B 43 15.17 -7.19 -19.05
C GLY B 43 14.81 -8.27 -18.05
N PRO B 44 15.77 -9.19 -17.80
CA PRO B 44 15.54 -10.25 -16.84
C PRO B 44 15.77 -9.75 -15.41
N ASP B 45 15.39 -10.60 -14.42
CA ASP B 45 15.46 -10.35 -13.01
C ASP B 45 16.74 -9.67 -12.60
N THR B 46 17.89 -10.22 -12.95
CA THR B 46 19.17 -9.63 -12.58
C THR B 46 19.40 -8.23 -13.23
N ASN B 47 19.39 -8.13 -14.61
CA ASN B 47 19.66 -6.94 -15.40
C ASN B 47 18.44 -6.30 -16.06
N THR B 48 17.48 -5.86 -15.24
CA THR B 48 16.30 -5.19 -15.86
C THR B 48 16.65 -3.71 -16.09
N THR B 49 16.58 -3.23 -17.34
CA THR B 49 17.01 -1.86 -17.68
C THR B 49 15.79 -0.95 -17.79
N ILE B 50 15.87 0.20 -17.16
CA ILE B 50 14.79 1.18 -17.11
C ILE B 50 15.36 2.46 -17.71
N ILE B 51 14.70 2.99 -18.74
CA ILE B 51 15.15 4.23 -19.36
C ILE B 51 14.03 5.21 -19.48
N GLN B 52 14.35 6.51 -19.40
CA GLN B 52 13.38 7.56 -19.64
C GLN B 52 13.61 8.11 -21.09
N LEU B 53 12.54 8.09 -21.92
CA LEU B 53 12.64 8.53 -23.33
C LEU B 53 12.86 10.03 -23.46
N GLN B 54 12.44 10.80 -22.45
CA GLN B 54 12.65 12.25 -22.42
C GLN B 54 13.40 12.58 -21.15
N PRO B 55 14.26 13.62 -21.11
CA PRO B 55 15.00 13.92 -19.87
C PRO B 55 14.16 14.70 -18.87
N LEU B 56 13.06 14.06 -18.41
CA LEU B 56 12.12 14.65 -17.47
C LEU B 56 12.80 14.92 -16.14
N GLN B 57 13.61 13.93 -15.68
CA GLN B 57 14.35 14.06 -14.42
C GLN B 57 15.82 14.26 -14.65
N GLU B 58 16.44 15.11 -13.80
CA GLU B 58 17.88 15.37 -13.82
C GLU B 58 18.66 14.07 -13.44
N PRO B 59 19.96 13.92 -13.78
CA PRO B 59 20.62 12.61 -13.59
C PRO B 59 20.56 11.99 -12.18
N GLU B 60 20.67 12.85 -11.15
CA GLU B 60 20.66 12.50 -9.72
C GLU B 60 19.28 12.02 -9.32
N SER B 61 18.23 12.79 -9.72
CA SER B 61 16.84 12.50 -9.43
C SER B 61 16.41 11.20 -10.07
N TRP B 62 16.81 10.98 -11.33
CA TRP B 62 16.42 9.80 -12.06
C TRP B 62 17.08 8.57 -11.48
N ALA B 63 18.34 8.72 -11.03
CA ALA B 63 19.09 7.62 -10.41
C ALA B 63 18.43 7.15 -9.11
N ARG B 64 17.83 8.10 -8.36
CA ARG B 64 17.13 7.79 -7.12
C ARG B 64 15.82 7.07 -7.44
N THR B 65 15.10 7.51 -8.53
CA THR B 65 13.87 6.90 -9.03
C THR B 65 14.16 5.47 -9.48
N GLN B 66 15.29 5.24 -10.24
CA GLN B 66 15.69 3.88 -10.68
C GLN B 66 15.98 2.98 -9.45
N SER B 67 16.75 3.47 -8.43
CA SER B 67 17.03 2.70 -7.22
C SER B 67 15.73 2.18 -6.62
N GLY B 68 14.71 3.05 -6.52
CA GLY B 68 13.41 2.73 -5.98
C GLY B 68 12.69 1.65 -6.75
N LEU B 69 12.68 1.79 -8.09
CA LEU B 69 12.02 0.90 -9.06
C LEU B 69 12.69 -0.43 -9.07
N GLN B 70 14.02 -0.42 -8.99
CA GLN B 70 14.81 -1.63 -9.03
C GLN B 70 14.64 -2.44 -7.75
N SER B 71 14.36 -1.76 -6.61
CA SER B 71 14.15 -2.41 -5.32
C SER B 71 12.82 -3.06 -5.30
N TYR B 72 11.82 -2.38 -5.94
CA TYR B 72 10.44 -2.86 -6.11
C TYR B 72 10.43 -4.19 -6.92
N LEU B 73 11.13 -4.24 -8.06
CA LEU B 73 11.22 -5.44 -8.86
C LEU B 73 11.84 -6.61 -8.06
N LEU B 74 12.80 -6.35 -7.16
CA LEU B 74 13.39 -7.44 -6.37
C LEU B 74 12.38 -7.97 -5.36
N GLN B 75 11.72 -7.06 -4.68
CA GLN B 75 10.66 -7.32 -3.72
C GLN B 75 9.46 -8.07 -4.35
N PHE B 76 8.98 -7.59 -5.51
CA PHE B 76 7.88 -8.18 -6.31
C PHE B 76 8.14 -9.65 -6.58
N HIS B 77 9.35 -9.97 -7.14
CA HIS B 77 9.81 -11.34 -7.43
C HIS B 77 9.85 -12.19 -6.16
N GLY B 78 10.33 -11.61 -5.06
CA GLY B 78 10.37 -12.27 -3.76
C GLY B 78 9.02 -12.76 -3.28
N LEU B 79 7.99 -11.85 -3.41
CA LEU B 79 6.61 -12.16 -3.06
C LEU B 79 6.09 -13.31 -3.93
N VAL B 80 6.35 -13.27 -5.26
CA VAL B 80 5.92 -14.36 -6.13
C VAL B 80 6.52 -15.68 -5.64
N ARG B 81 7.84 -15.69 -5.32
CA ARG B 81 8.54 -16.85 -4.79
C ARG B 81 7.92 -17.37 -3.49
N LEU B 82 7.52 -16.45 -2.59
CA LEU B 82 6.90 -16.87 -1.33
C LEU B 82 5.55 -17.50 -1.56
N VAL B 83 4.66 -16.83 -2.35
CA VAL B 83 3.32 -17.36 -2.69
C VAL B 83 3.50 -18.78 -3.24
N HIS B 84 4.50 -18.98 -4.15
CA HIS B 84 4.79 -20.28 -4.72
C HIS B 84 5.26 -21.28 -3.68
N GLN B 85 6.22 -20.90 -2.80
CA GLN B 85 6.68 -21.89 -1.83
C GLN B 85 5.63 -22.21 -0.79
N GLU B 86 4.69 -21.30 -0.53
CA GLU B 86 3.68 -21.53 0.49
C GLU B 86 2.36 -22.09 -0.04
N ARG B 87 1.96 -21.75 -1.27
CA ARG B 87 0.67 -22.19 -1.82
C ARG B 87 0.78 -22.87 -3.19
N THR B 88 1.99 -22.93 -3.77
CA THR B 88 2.30 -23.56 -5.07
C THR B 88 1.61 -22.89 -6.25
N LEU B 89 2.41 -22.26 -7.12
CA LEU B 89 1.93 -21.59 -8.31
C LEU B 89 2.17 -22.51 -9.51
N ALA B 90 1.33 -22.39 -10.54
CA ALA B 90 1.47 -23.19 -11.76
C ALA B 90 2.17 -22.35 -12.84
N PHE B 91 3.43 -22.70 -13.11
CA PHE B 91 4.23 -21.98 -14.10
C PHE B 91 4.06 -22.62 -15.50
N PRO B 92 4.25 -21.87 -16.61
CA PRO B 92 4.63 -20.46 -16.69
C PRO B 92 3.43 -19.58 -16.37
N LEU B 93 3.66 -18.34 -15.95
CA LEU B 93 2.58 -17.41 -15.65
C LEU B 93 3.00 -16.00 -15.98
N THR B 94 2.01 -15.17 -16.26
CA THR B 94 2.26 -13.77 -16.57
C THR B 94 1.52 -12.89 -15.61
N ILE B 95 2.21 -11.92 -15.01
CA ILE B 95 1.60 -11.00 -14.08
C ILE B 95 1.62 -9.61 -14.70
N ARG B 96 0.42 -8.98 -14.81
CA ARG B 96 0.25 -7.64 -15.34
C ARG B 96 -0.06 -6.73 -14.15
N CYS B 97 0.66 -5.62 -14.01
CA CYS B 97 0.47 -4.64 -12.95
C CYS B 97 0.21 -3.33 -13.66
N PHE B 98 -1.03 -2.83 -13.55
CA PHE B 98 -1.43 -1.58 -14.14
C PHE B 98 -1.76 -0.63 -13.00
N LEU B 99 -0.98 0.45 -12.92
CA LEU B 99 -1.08 1.42 -11.83
C LEU B 99 -0.88 2.87 -12.31
N GLY B 100 -1.27 3.81 -11.46
CA GLY B 100 -1.14 5.22 -11.78
C GLY B 100 -1.95 6.15 -10.93
N CYS B 101 -1.95 7.41 -11.36
CA CYS B 101 -2.62 8.52 -10.72
C CYS B 101 -3.18 9.41 -11.78
N GLU B 102 -4.40 9.90 -11.55
CA GLU B 102 -5.14 10.77 -12.45
C GLU B 102 -5.58 11.98 -11.63
N LEU B 103 -5.22 13.18 -12.09
CA LEU B 103 -5.52 14.46 -11.45
C LEU B 103 -6.69 15.18 -12.13
N PRO B 104 -7.64 15.73 -11.33
CA PRO B 104 -8.81 16.39 -11.93
C PRO B 104 -8.50 17.76 -12.52
N PRO B 105 -9.42 18.36 -13.35
CA PRO B 105 -9.16 19.72 -13.88
C PRO B 105 -9.15 20.75 -12.74
N GLU B 106 -10.08 20.58 -11.80
CA GLU B 106 -10.22 21.37 -10.59
C GLU B 106 -10.16 20.40 -9.42
N GLY B 107 -9.42 20.79 -8.39
CA GLY B 107 -9.29 20.02 -7.15
C GLY B 107 -8.04 19.19 -7.08
N SER B 108 -7.67 18.78 -5.86
CA SER B 108 -6.49 17.96 -5.65
C SER B 108 -6.85 16.49 -5.36
N ARG B 109 -8.14 16.20 -5.27
CA ARG B 109 -8.60 14.85 -5.00
C ARG B 109 -8.25 14.00 -6.20
N ALA B 110 -7.13 13.28 -6.13
CA ALA B 110 -6.68 12.47 -7.24
C ALA B 110 -7.12 11.03 -7.12
N HIS B 111 -7.48 10.45 -8.26
CA HIS B 111 -7.85 9.05 -8.33
C HIS B 111 -6.57 8.30 -8.59
N VAL B 112 -6.38 7.22 -7.87
CA VAL B 112 -5.18 6.43 -7.88
C VAL B 112 -5.62 4.94 -7.97
N PHE B 113 -4.76 4.10 -8.55
CA PHE B 113 -5.09 2.68 -8.74
C PHE B 113 -3.86 1.79 -8.88
N PHE B 114 -4.07 0.48 -8.70
CA PHE B 114 -3.08 -0.60 -8.84
C PHE B 114 -3.88 -1.89 -9.00
N GLU B 115 -4.08 -2.31 -10.26
CA GLU B 115 -4.80 -3.53 -10.61
C GLU B 115 -3.77 -4.60 -11.08
N VAL B 116 -3.85 -5.79 -10.49
CA VAL B 116 -2.97 -6.93 -10.77
C VAL B 116 -3.75 -8.04 -11.48
N ALA B 117 -3.28 -8.46 -12.66
CA ALA B 117 -3.88 -9.57 -13.40
C ALA B 117 -2.88 -10.70 -13.53
N VAL B 118 -3.34 -11.94 -13.43
CA VAL B 118 -2.49 -13.12 -13.57
C VAL B 118 -3.07 -13.96 -14.71
N ASN B 119 -2.22 -14.21 -15.73
CA ASN B 119 -2.54 -15.01 -16.91
C ASN B 119 -3.79 -14.45 -17.62
N GLY B 120 -3.83 -13.13 -17.72
CA GLY B 120 -4.89 -12.39 -18.39
C GLY B 120 -6.17 -12.18 -17.60
N SER B 121 -6.29 -12.88 -16.48
CA SER B 121 -7.48 -12.79 -15.64
C SER B 121 -7.24 -11.93 -14.41
N SER B 122 -8.27 -11.15 -14.01
CA SER B 122 -8.30 -10.28 -12.84
C SER B 122 -7.84 -11.06 -11.62
N PHE B 123 -6.97 -10.46 -10.79
CA PHE B 123 -6.46 -11.17 -9.63
C PHE B 123 -6.78 -10.41 -8.37
N VAL B 124 -6.04 -9.31 -8.10
CA VAL B 124 -6.19 -8.45 -6.93
C VAL B 124 -6.03 -6.97 -7.31
N SER B 125 -6.55 -6.04 -6.51
CA SER B 125 -6.37 -4.61 -6.73
C SER B 125 -6.28 -3.84 -5.42
N PHE B 126 -5.61 -2.70 -5.44
CA PHE B 126 -5.42 -1.90 -4.25
C PHE B 126 -6.55 -0.93 -4.09
N ARG B 127 -6.98 -0.70 -2.84
CA ARG B 127 -8.05 0.23 -2.47
C ARG B 127 -7.45 1.28 -1.54
N PRO B 128 -7.16 2.48 -2.06
CA PRO B 128 -6.42 3.48 -1.27
C PRO B 128 -7.12 4.09 -0.06
N GLU B 129 -8.44 4.00 0.01
CA GLU B 129 -9.21 4.57 1.13
C GLU B 129 -8.64 4.02 2.45
N ARG B 130 -8.45 2.68 2.53
CA ARG B 130 -7.92 2.09 3.75
C ARG B 130 -6.58 1.41 3.55
N ALA B 131 -5.94 1.65 2.38
CA ALA B 131 -4.64 1.08 1.97
C ALA B 131 -4.64 -0.45 2.15
N LEU B 132 -5.67 -1.07 1.58
CA LEU B 132 -5.90 -2.51 1.62
C LEU B 132 -6.15 -3.07 0.23
N TRP B 133 -5.55 -4.22 -0.04
CA TRP B 133 -5.68 -4.97 -1.27
C TRP B 133 -6.92 -5.85 -1.16
N GLN B 134 -7.62 -6.02 -2.31
CA GLN B 134 -8.86 -6.81 -2.42
C GLN B 134 -8.82 -7.76 -3.61
N ALA B 135 -9.62 -8.83 -3.59
CA ALA B 135 -9.67 -9.78 -4.70
C ALA B 135 -10.51 -9.22 -5.82
N ASP B 136 -10.15 -9.53 -7.07
CA ASP B 136 -10.88 -9.15 -8.26
C ASP B 136 -11.41 -10.42 -8.92
N THR B 137 -11.24 -11.58 -8.26
CA THR B 137 -11.68 -12.87 -8.77
C THR B 137 -12.83 -13.42 -7.98
N GLN B 138 -13.80 -14.02 -8.70
CA GLN B 138 -14.94 -14.72 -8.15
C GLN B 138 -14.49 -16.06 -7.51
N VAL B 139 -13.37 -16.60 -7.99
CA VAL B 139 -12.77 -17.85 -7.51
C VAL B 139 -12.09 -17.64 -6.15
N THR B 140 -12.47 -18.47 -5.16
CA THR B 140 -11.85 -18.47 -3.82
C THR B 140 -10.73 -19.50 -3.85
N SER B 141 -9.47 -19.02 -3.76
CA SER B 141 -8.32 -19.93 -3.78
C SER B 141 -7.33 -19.60 -2.70
N GLY B 142 -6.50 -20.60 -2.36
CA GLY B 142 -5.44 -20.50 -1.36
C GLY B 142 -4.44 -19.45 -1.73
N VAL B 143 -4.13 -19.39 -3.03
CA VAL B 143 -3.23 -18.40 -3.62
C VAL B 143 -3.76 -16.99 -3.42
N VAL B 144 -5.03 -16.72 -3.76
CA VAL B 144 -5.61 -15.37 -3.58
C VAL B 144 -5.64 -14.93 -2.09
N THR B 145 -6.15 -15.81 -1.18
CA THR B 145 -6.23 -15.47 0.25
C THR B 145 -4.83 -15.23 0.83
N PHE B 146 -3.87 -16.09 0.47
CA PHE B 146 -2.50 -15.96 0.94
C PHE B 146 -1.82 -14.68 0.44
N THR B 147 -1.93 -14.39 -0.85
CA THR B 147 -1.38 -13.18 -1.46
C THR B 147 -1.98 -11.95 -0.79
N LEU B 148 -3.32 -11.91 -0.62
CA LEU B 148 -3.96 -10.79 0.06
C LEU B 148 -3.50 -10.66 1.51
N GLN B 149 -3.36 -11.81 2.22
CA GLN B 149 -2.91 -11.92 3.62
C GLN B 149 -1.57 -11.18 3.75
N GLN B 150 -0.61 -11.50 2.84
CA GLN B 150 0.72 -10.93 2.78
C GLN B 150 0.66 -9.48 2.35
N LEU B 151 -0.16 -9.15 1.36
CA LEU B 151 -0.28 -7.79 0.87
C LEU B 151 -0.82 -6.87 1.96
N ASN B 152 -1.79 -7.32 2.75
CA ASN B 152 -2.33 -6.51 3.83
C ASN B 152 -1.60 -6.67 5.20
N ALA B 153 -0.47 -7.37 5.19
CA ALA B 153 0.31 -7.61 6.39
C ALA B 153 1.32 -6.50 6.73
N TYR B 154 1.89 -5.86 5.72
CA TYR B 154 2.98 -4.93 5.88
C TYR B 154 2.68 -3.48 5.55
N ASN B 155 3.40 -2.56 6.21
CA ASN B 155 3.30 -1.12 5.92
C ASN B 155 3.86 -0.85 4.51
N ARG B 156 4.86 -1.65 4.10
CA ARG B 156 5.48 -1.55 2.77
C ARG B 156 4.43 -1.68 1.68
N THR B 157 3.61 -2.74 1.74
CA THR B 157 2.62 -3.09 0.75
C THR B 157 1.32 -2.32 0.95
N ARG B 158 1.28 -1.48 2.00
CA ARG B 158 0.08 -0.71 2.37
C ARG B 158 0.31 0.79 2.29
N TYR B 159 0.85 1.40 3.35
CA TYR B 159 1.02 2.84 3.39
C TYR B 159 2.15 3.35 2.48
N GLU B 160 3.18 2.54 2.24
CA GLU B 160 4.26 2.94 1.35
C GLU B 160 3.79 2.88 -0.08
N LEU B 161 2.93 1.91 -0.40
CA LEU B 161 2.41 1.75 -1.76
C LEU B 161 1.48 2.89 -2.06
N ARG B 162 0.66 3.28 -1.08
CA ARG B 162 -0.28 4.38 -1.18
C ARG B 162 0.46 5.69 -1.38
N GLU B 163 1.58 5.88 -0.62
CA GLU B 163 2.43 7.07 -0.67
C GLU B 163 3.05 7.21 -2.05
N PHE B 164 3.38 6.09 -2.70
CA PHE B 164 3.95 6.12 -4.05
C PHE B 164 2.93 6.67 -5.01
N LEU B 165 1.72 6.17 -4.91
CA LEU B 165 0.61 6.51 -5.77
C LEU B 165 0.08 7.93 -5.54
N GLU B 166 -0.19 8.28 -4.29
CA GLU B 166 -0.79 9.57 -3.93
C GLU B 166 0.18 10.75 -3.86
N ASP B 167 1.45 10.47 -3.54
CA ASP B 167 2.45 11.52 -3.39
C ASP B 167 3.49 11.50 -4.49
N THR B 168 4.28 10.40 -4.62
CA THR B 168 5.34 10.30 -5.64
C THR B 168 4.80 10.54 -7.07
N CYS B 169 3.78 9.75 -7.46
CA CYS B 169 3.15 9.77 -8.76
C CYS B 169 2.48 11.13 -9.08
N VAL B 170 1.67 11.63 -8.13
CA VAL B 170 0.91 12.89 -8.26
C VAL B 170 1.85 14.05 -8.41
N GLN B 171 2.88 14.14 -7.54
CA GLN B 171 3.89 15.21 -7.59
C GLN B 171 4.59 15.23 -8.95
N TYR B 172 4.89 14.04 -9.51
CA TYR B 172 5.52 13.87 -10.84
C TYR B 172 4.64 14.49 -11.93
N VAL B 173 3.31 14.28 -11.83
CA VAL B 173 2.34 14.81 -12.80
C VAL B 173 2.34 16.33 -12.69
N GLN B 174 2.22 16.86 -11.45
CA GLN B 174 2.22 18.29 -11.15
C GLN B 174 3.51 18.98 -11.64
N LYS B 175 4.66 18.31 -11.47
CA LYS B 175 5.97 18.84 -11.85
C LYS B 175 6.23 18.79 -13.36
N HIS B 176 5.91 17.64 -14.02
CA HIS B 176 6.30 17.44 -15.42
C HIS B 176 5.18 17.52 -16.52
N ILE B 177 4.04 18.22 -16.31
CA ILE B 177 3.10 18.37 -17.44
C ILE B 177 3.53 19.54 -18.33
N GLN C 9 -5.15 7.73 15.30
CA GLN C 9 -5.75 9.07 15.06
C GLN C 9 -6.99 9.05 14.02
N ARG C 10 -7.95 8.14 14.29
CA ARG C 10 -9.09 7.80 13.46
C ARG C 10 -10.38 7.70 14.25
N LEU C 11 -11.49 7.71 13.54
CA LEU C 11 -12.83 7.47 14.08
C LEU C 11 -13.43 6.41 13.18
N HIS C 12 -13.63 5.21 13.71
CA HIS C 12 -14.22 4.10 12.96
C HIS C 12 -15.56 3.80 13.50
N MET C 13 -16.53 3.53 12.61
CA MET C 13 -17.92 3.21 13.01
C MET C 13 -18.40 1.92 12.43
N LEU C 14 -18.98 1.09 13.27
CA LEU C 14 -19.49 -0.20 12.82
C LEU C 14 -20.96 -0.32 13.05
N GLN C 15 -21.69 -0.75 12.01
CA GLN C 15 -23.14 -0.92 12.11
C GLN C 15 -23.55 -2.27 11.51
N ILE C 16 -24.24 -3.10 12.30
CA ILE C 16 -24.71 -4.44 11.91
C ILE C 16 -26.21 -4.44 12.01
N SER C 17 -26.87 -4.65 10.86
CA SER C 17 -28.32 -4.65 10.72
C SER C 17 -28.83 -6.03 10.38
N TYR C 18 -29.66 -6.62 11.27
CA TYR C 18 -30.25 -7.94 11.05
C TYR C 18 -31.72 -7.85 10.63
N PHE C 19 -31.99 -8.25 9.37
CA PHE C 19 -33.32 -8.22 8.77
C PHE C 19 -33.93 -9.60 8.73
N ARG C 20 -35.00 -9.81 9.48
CA ARG C 20 -35.73 -11.08 9.53
C ARG C 20 -36.64 -11.06 8.31
N ASP C 21 -37.14 -9.84 7.96
CA ASP C 21 -38.06 -9.51 6.88
C ASP C 21 -37.89 -8.03 6.45
N PRO C 22 -38.54 -7.55 5.35
CA PRO C 22 -38.33 -6.14 4.95
C PRO C 22 -38.76 -5.08 5.94
N TYR C 23 -39.78 -5.38 6.76
CA TYR C 23 -40.43 -4.44 7.67
C TYR C 23 -39.74 -4.20 8.98
N HIS C 24 -38.89 -5.16 9.44
CA HIS C 24 -38.24 -5.08 10.74
C HIS C 24 -36.81 -5.46 10.75
N VAL C 25 -35.99 -4.60 11.40
CA VAL C 25 -34.54 -4.77 11.56
C VAL C 25 -34.09 -4.65 13.05
N TRP C 26 -32.99 -5.31 13.38
CA TRP C 26 -32.36 -5.19 14.70
C TRP C 26 -30.97 -4.63 14.48
N TYR C 27 -30.67 -3.47 15.07
CA TYR C 27 -29.35 -2.86 14.93
C TYR C 27 -28.44 -3.20 16.12
N GLN C 28 -27.15 -3.27 15.83
CA GLN C 28 -26.08 -3.54 16.76
C GLN C 28 -24.82 -2.87 16.17
N GLY C 29 -24.16 -2.04 16.95
CA GLY C 29 -22.98 -1.33 16.50
C GLY C 29 -22.25 -0.54 17.57
N ASN C 30 -21.07 -0.04 17.20
CA ASN C 30 -20.20 0.70 18.09
C ASN C 30 -19.34 1.65 17.26
N ALA C 31 -18.68 2.61 17.92
CA ALA C 31 -17.72 3.54 17.34
C ALA C 31 -16.46 3.59 18.19
N SER C 32 -15.31 3.68 17.53
CA SER C 32 -14.03 3.78 18.22
C SER C 32 -13.21 4.97 17.77
N LEU C 33 -12.77 5.80 18.73
CA LEU C 33 -11.90 6.96 18.50
C LEU C 33 -10.53 6.58 19.02
N GLY C 34 -9.54 6.66 18.14
CA GLY C 34 -8.14 6.38 18.43
C GLY C 34 -7.94 5.06 19.13
N GLY C 35 -8.64 4.04 18.64
CA GLY C 35 -8.56 2.66 19.13
C GLY C 35 -9.34 2.34 20.40
N HIS C 36 -10.06 3.32 20.96
CA HIS C 36 -10.83 3.08 22.17
C HIS C 36 -12.28 3.16 21.82
N LEU C 37 -13.11 2.32 22.46
CA LEU C 37 -14.55 2.27 22.21
C LEU C 37 -15.16 3.55 22.77
N THR C 38 -16.05 4.20 22.02
CA THR C 38 -16.63 5.49 22.43
C THR C 38 -18.15 5.54 22.40
N HIS C 39 -18.76 4.78 21.49
CA HIS C 39 -20.23 4.79 21.35
C HIS C 39 -20.74 3.41 21.08
N VAL C 40 -21.98 3.16 21.48
CA VAL C 40 -22.65 1.88 21.29
C VAL C 40 -24.07 2.18 20.81
N LEU C 41 -24.56 1.34 19.89
CA LEU C 41 -25.87 1.41 19.22
C LEU C 41 -26.50 0.01 19.27
N GLU C 42 -27.72 -0.07 19.77
CA GLU C 42 -28.43 -1.34 19.90
C GLU C 42 -29.91 -1.11 19.96
N GLY C 43 -30.68 -1.96 19.28
CA GLY C 43 -32.12 -1.87 19.31
C GLY C 43 -32.81 -2.13 17.99
N PRO C 44 -34.15 -2.32 18.05
CA PRO C 44 -34.90 -2.54 16.82
C PRO C 44 -35.19 -1.21 16.13
N ASP C 45 -35.70 -1.30 14.88
CA ASP C 45 -36.04 -0.17 14.02
C ASP C 45 -36.75 0.94 14.78
N THR C 46 -37.80 0.62 15.51
CA THR C 46 -38.54 1.63 16.28
C THR C 46 -37.70 2.29 17.42
N ASN C 47 -37.20 1.48 18.40
CA ASN C 47 -36.42 1.96 19.56
C ASN C 47 -34.94 1.64 19.53
N THR C 48 -34.21 2.18 18.54
CA THR C 48 -32.76 1.90 18.49
C THR C 48 -32.06 2.91 19.42
N THR C 49 -31.32 2.43 20.45
CA THR C 49 -30.71 3.30 21.45
C THR C 49 -29.23 3.51 21.14
N ILE C 50 -28.81 4.76 21.17
CA ILE C 50 -27.44 5.16 20.89
C ILE C 50 -26.93 5.85 22.13
N ILE C 51 -25.82 5.37 22.70
CA ILE C 51 -25.23 5.96 23.92
C ILE C 51 -23.75 6.24 23.67
N GLN C 52 -23.18 7.30 24.35
CA GLN C 52 -21.74 7.59 24.35
C GLN C 52 -21.12 7.16 25.63
N LEU C 53 -20.11 6.30 25.54
CA LEU C 53 -19.47 5.75 26.75
C LEU C 53 -18.65 6.77 27.54
N GLN C 54 -18.14 7.81 26.84
CA GLN C 54 -17.41 8.91 27.47
C GLN C 54 -18.16 10.22 27.21
N PRO C 55 -18.09 11.23 28.09
CA PRO C 55 -18.81 12.49 27.81
C PRO C 55 -18.06 13.41 26.86
N LEU C 56 -17.80 12.91 25.65
CA LEU C 56 -17.08 13.64 24.62
C LEU C 56 -17.86 14.86 24.17
N GLN C 57 -19.18 14.70 23.95
CA GLN C 57 -20.06 15.80 23.55
C GLN C 57 -20.98 16.17 24.70
N GLU C 58 -21.25 17.48 24.87
CA GLU C 58 -22.19 17.96 25.89
C GLU C 58 -23.64 17.48 25.58
N PRO C 59 -24.59 17.42 26.57
CA PRO C 59 -25.90 16.80 26.29
C PRO C 59 -26.69 17.32 25.08
N GLU C 60 -26.62 18.63 24.82
CA GLU C 60 -27.28 19.33 23.72
C GLU C 60 -26.65 18.93 22.38
N SER C 61 -25.30 18.95 22.32
CA SER C 61 -24.53 18.59 21.13
C SER C 61 -24.74 17.12 20.76
N TRP C 62 -24.73 16.25 21.78
CA TRP C 62 -24.91 14.84 21.56
C TRP C 62 -26.33 14.53 21.09
N ALA C 63 -27.33 15.26 21.58
CA ALA C 63 -28.73 15.08 21.18
C ALA C 63 -28.94 15.43 19.71
N ARG C 64 -28.17 16.43 19.21
CA ARG C 64 -28.22 16.84 17.80
C ARG C 64 -27.56 15.76 16.94
N THR C 65 -26.41 15.17 17.41
CA THR C 65 -25.70 14.04 16.79
C THR C 65 -26.64 12.83 16.71
N GLN C 66 -27.46 12.59 17.75
CA GLN C 66 -28.40 11.49 17.83
C GLN C 66 -29.52 11.64 16.83
N SER C 67 -30.07 12.86 16.71
CA SER C 67 -31.10 13.17 15.73
C SER C 67 -30.61 12.77 14.34
N GLY C 68 -29.36 13.15 14.01
CA GLY C 68 -28.74 12.87 12.75
C GLY C 68 -28.64 11.38 12.46
N LEU C 69 -28.14 10.63 13.48
CA LEU C 69 -27.90 9.18 13.40
C LEU C 69 -29.23 8.42 13.30
N GLN C 70 -30.23 8.91 14.03
CA GLN C 70 -31.53 8.30 14.02
C GLN C 70 -32.29 8.50 12.70
N SER C 71 -31.95 9.58 11.98
CA SER C 71 -32.50 9.88 10.65
C SER C 71 -31.87 8.99 9.60
N TYR C 72 -30.54 8.73 9.72
CA TYR C 72 -29.77 7.87 8.82
C TYR C 72 -30.39 6.51 8.87
N LEU C 73 -30.64 6.01 10.08
CA LEU C 73 -31.17 4.67 10.29
C LEU C 73 -32.50 4.47 9.61
N LEU C 74 -33.41 5.50 9.67
CA LEU C 74 -34.71 5.45 9.00
C LEU C 74 -34.51 5.35 7.50
N GLN C 75 -33.62 6.21 6.98
CA GLN C 75 -33.24 6.28 5.58
C GLN C 75 -32.66 4.94 5.05
N PHE C 76 -31.69 4.38 5.83
CA PHE C 76 -30.97 3.13 5.54
C PHE C 76 -31.95 1.99 5.34
N HIS C 77 -32.90 1.83 6.34
CA HIS C 77 -33.94 0.81 6.30
C HIS C 77 -34.88 1.01 5.08
N GLY C 78 -35.22 2.26 4.78
CA GLY C 78 -36.02 2.61 3.62
C GLY C 78 -35.42 2.11 2.31
N LEU C 79 -34.10 2.33 2.14
CA LEU C 79 -33.36 1.88 0.96
C LEU C 79 -33.40 0.38 0.86
N VAL C 80 -33.17 -0.35 2.00
CA VAL C 80 -33.24 -1.81 1.96
C VAL C 80 -34.63 -2.25 1.47
N ARG C 81 -35.71 -1.62 2.00
CA ARG C 81 -37.08 -1.89 1.60
C ARG C 81 -37.31 -1.66 0.14
N LEU C 82 -36.76 -0.55 -0.41
CA LEU C 82 -36.94 -0.26 -1.83
C LEU C 82 -36.26 -1.29 -2.70
N VAL C 83 -34.97 -1.58 -2.42
CA VAL C 83 -34.19 -2.59 -3.16
C VAL C 83 -34.98 -3.89 -3.19
N HIS C 84 -35.55 -4.30 -2.03
CA HIS C 84 -36.37 -5.49 -1.95
C HIS C 84 -37.65 -5.39 -2.76
N GLN C 85 -38.41 -4.28 -2.65
CA GLN C 85 -39.65 -4.21 -3.41
C GLN C 85 -39.41 -4.12 -4.91
N GLU C 86 -38.26 -3.60 -5.32
CA GLU C 86 -37.98 -3.45 -6.72
C GLU C 86 -37.16 -4.55 -7.35
N ARG C 87 -36.28 -5.23 -6.61
CA ARG C 87 -35.42 -6.26 -7.17
C ARG C 87 -35.45 -7.58 -6.40
N THR C 88 -36.19 -7.62 -5.27
CA THR C 88 -36.38 -8.81 -4.41
C THR C 88 -35.09 -9.29 -3.72
N LEU C 89 -35.07 -9.16 -2.39
CA LEU C 89 -33.97 -9.62 -1.56
C LEU C 89 -34.34 -10.95 -0.88
N ALA C 90 -33.34 -11.77 -0.54
CA ALA C 90 -33.55 -13.06 0.13
C ALA C 90 -33.32 -12.91 1.62
N PHE C 91 -34.39 -12.93 2.41
CA PHE C 91 -34.30 -12.78 3.87
C PHE C 91 -34.13 -14.15 4.57
N PRO C 92 -33.49 -14.25 5.75
CA PRO C 92 -32.87 -13.20 6.55
C PRO C 92 -31.58 -12.74 5.90
N LEU C 93 -31.13 -11.55 6.27
CA LEU C 93 -29.88 -11.02 5.76
C LEU C 93 -29.27 -10.09 6.76
N THR C 94 -27.95 -9.97 6.71
CA THR C 94 -27.22 -9.09 7.58
C THR C 94 -26.42 -8.10 6.76
N ILE C 95 -26.53 -6.82 7.11
CA ILE C 95 -25.79 -5.78 6.42
C ILE C 95 -24.79 -5.18 7.39
N ARG C 96 -23.51 -5.16 6.99
CA ARG C 96 -22.43 -4.57 7.77
C ARG C 96 -22.03 -3.28 7.08
N CYS C 97 -21.94 -2.18 7.82
CA CYS C 97 -21.55 -0.86 7.32
C CYS C 97 -20.38 -0.47 8.16
N PHE C 98 -19.21 -0.39 7.53
CA PHE C 98 -17.97 -0.02 8.19
C PHE C 98 -17.51 1.27 7.56
N LEU C 99 -17.47 2.34 8.35
CA LEU C 99 -17.14 3.67 7.89
C LEU C 99 -16.28 4.45 8.88
N GLY C 100 -15.68 5.55 8.42
CA GLY C 100 -14.83 6.38 9.25
C GLY C 100 -13.88 7.31 8.52
N CYS C 101 -12.99 7.91 9.28
CA CYS C 101 -11.99 8.87 8.83
C CYS C 101 -10.71 8.61 9.56
N GLU C 102 -9.58 8.68 8.83
CA GLU C 102 -8.24 8.47 9.34
C GLU C 102 -7.39 9.69 9.00
N LEU C 103 -6.76 10.29 10.02
CA LEU C 103 -5.97 11.49 9.90
C LEU C 103 -4.46 11.22 9.92
N PRO C 104 -3.69 11.84 9.00
CA PRO C 104 -2.22 11.62 9.00
C PRO C 104 -1.51 12.41 10.12
N PRO C 105 -0.21 12.14 10.43
CA PRO C 105 0.49 12.96 11.45
C PRO C 105 0.61 14.42 10.98
N GLU C 106 0.94 14.59 9.68
CA GLU C 106 1.04 15.86 8.95
C GLU C 106 0.09 15.67 7.77
N GLY C 107 -1.04 16.37 7.77
CA GLY C 107 -2.01 16.09 6.73
C GLY C 107 -2.82 17.24 6.20
N SER C 108 -2.79 17.37 4.85
CA SER C 108 -3.57 18.33 4.10
C SER C 108 -4.97 17.70 3.97
N ARG C 109 -5.04 16.41 3.55
CA ARG C 109 -6.30 15.65 3.47
C ARG C 109 -6.20 14.29 4.17
N ALA C 110 -7.37 13.85 4.67
CA ALA C 110 -7.60 12.63 5.43
C ALA C 110 -8.29 11.59 4.57
N HIS C 111 -7.94 10.32 4.83
CA HIS C 111 -8.52 9.16 4.19
C HIS C 111 -9.86 8.85 4.82
N VAL C 112 -10.86 8.63 4.00
CA VAL C 112 -12.24 8.45 4.43
C VAL C 112 -12.86 7.24 3.71
N PHE C 113 -13.72 6.47 4.42
CA PHE C 113 -14.30 5.26 3.83
C PHE C 113 -15.72 4.94 4.30
N PHE C 114 -16.40 4.04 3.55
CA PHE C 114 -17.72 3.51 3.81
C PHE C 114 -17.84 2.23 2.98
N GLU C 115 -17.58 1.07 3.61
CA GLU C 115 -17.66 -0.24 2.97
C GLU C 115 -18.93 -0.97 3.49
N VAL C 116 -19.75 -1.49 2.57
CA VAL C 116 -20.99 -2.20 2.86
C VAL C 116 -20.86 -3.67 2.50
N ALA C 117 -21.11 -4.55 3.46
CA ALA C 117 -21.11 -6.00 3.21
C ALA C 117 -22.48 -6.58 3.47
N VAL C 118 -22.91 -7.54 2.64
CA VAL C 118 -24.20 -8.21 2.82
C VAL C 118 -23.93 -9.70 3.00
N ASN C 119 -24.38 -10.24 4.16
CA ASN C 119 -24.25 -11.65 4.52
C ASN C 119 -22.75 -12.09 4.51
N GLY C 120 -21.90 -11.20 5.01
CA GLY C 120 -20.47 -11.44 5.12
C GLY C 120 -19.66 -11.18 3.87
N SER C 121 -20.33 -11.05 2.74
CA SER C 121 -19.69 -10.84 1.45
C SER C 121 -19.72 -9.38 1.02
N SER C 122 -18.62 -8.92 0.41
CA SER C 122 -18.41 -7.56 -0.12
C SER C 122 -19.60 -7.19 -1.00
N PHE C 123 -20.10 -5.97 -0.82
CA PHE C 123 -21.25 -5.56 -1.61
C PHE C 123 -20.92 -4.32 -2.41
N VAL C 124 -20.92 -3.15 -1.75
CA VAL C 124 -20.64 -1.83 -2.37
C VAL C 124 -19.77 -0.98 -1.42
N SER C 125 -19.06 0.01 -1.95
CA SER C 125 -18.27 0.92 -1.12
C SER C 125 -18.23 2.31 -1.70
N PHE C 126 -18.05 3.28 -0.82
CA PHE C 126 -18.03 4.66 -1.20
C PHE C 126 -16.62 5.04 -1.54
N ARG C 127 -16.49 5.65 -2.73
CA ARG C 127 -15.25 6.16 -3.31
C ARG C 127 -15.26 7.69 -3.28
N PRO C 128 -14.69 8.26 -2.18
CA PRO C 128 -14.72 9.72 -1.98
C PRO C 128 -14.08 10.58 -3.07
N GLU C 129 -13.21 10.02 -3.91
CA GLU C 129 -12.54 10.74 -5.00
C GLU C 129 -13.62 11.47 -5.84
N ARG C 130 -14.65 10.72 -6.29
CA ARG C 130 -15.70 11.31 -7.09
C ARG C 130 -17.05 11.26 -6.43
N ALA C 131 -17.08 10.93 -5.12
CA ALA C 131 -18.29 10.79 -4.27
C ALA C 131 -19.32 9.88 -4.97
N LEU C 132 -18.83 8.70 -5.38
CA LEU C 132 -19.58 7.68 -6.08
C LEU C 132 -19.42 6.36 -5.42
N TRP C 133 -20.52 5.63 -5.31
CA TRP C 133 -20.55 4.31 -4.77
C TRP C 133 -20.21 3.36 -5.90
N GLN C 134 -19.35 2.36 -5.62
CA GLN C 134 -18.97 1.37 -6.60
C GLN C 134 -19.20 -0.03 -6.05
N ALA C 135 -19.27 -1.05 -6.92
CA ALA C 135 -19.50 -2.43 -6.50
C ALA C 135 -18.20 -3.02 -6.00
N ASP C 136 -18.30 -3.92 -5.01
CA ASP C 136 -17.17 -4.64 -4.45
C ASP C 136 -17.28 -6.13 -4.79
N THR C 137 -18.28 -6.53 -5.60
CA THR C 137 -18.40 -7.90 -6.07
C THR C 137 -18.06 -7.86 -7.51
N GLN C 138 -17.81 -9.02 -8.05
CA GLN C 138 -17.53 -9.17 -9.45
C GLN C 138 -18.81 -9.68 -10.11
N VAL C 139 -19.80 -10.05 -9.26
CA VAL C 139 -21.10 -10.57 -9.67
C VAL C 139 -22.03 -9.41 -10.02
N THR C 140 -22.49 -9.46 -11.25
CA THR C 140 -23.42 -8.52 -11.86
C THR C 140 -24.81 -8.96 -11.46
N SER C 141 -25.50 -8.12 -10.69
CA SER C 141 -26.87 -8.44 -10.32
C SER C 141 -27.74 -7.21 -10.36
N GLY C 142 -29.05 -7.45 -10.50
CA GLY C 142 -30.08 -6.42 -10.52
C GLY C 142 -30.07 -5.62 -9.23
N VAL C 143 -29.87 -6.33 -8.11
CA VAL C 143 -29.77 -5.74 -6.78
C VAL C 143 -28.59 -4.77 -6.70
N VAL C 144 -27.39 -5.18 -7.12
CA VAL C 144 -26.22 -4.30 -7.08
C VAL C 144 -26.40 -3.03 -7.97
N THR C 145 -26.83 -3.21 -9.23
CA THR C 145 -27.00 -2.07 -10.15
C THR C 145 -28.05 -1.09 -9.62
N PHE C 146 -29.20 -1.59 -9.12
CA PHE C 146 -30.26 -0.73 -8.60
C PHE C 146 -29.82 0.02 -7.36
N THR C 147 -29.16 -0.68 -6.40
CA THR C 147 -28.65 -0.09 -5.16
C THR C 147 -27.67 1.03 -5.52
N LEU C 148 -26.71 0.76 -6.42
CA LEU C 148 -25.75 1.76 -6.86
C LEU C 148 -26.45 2.94 -7.56
N GLN C 149 -27.46 2.65 -8.39
CA GLN C 149 -28.25 3.64 -9.12
C GLN C 149 -28.83 4.64 -8.10
N GLN C 150 -29.46 4.12 -7.00
CA GLN C 150 -30.09 4.88 -5.91
C GLN C 150 -29.05 5.66 -5.14
N LEU C 151 -27.90 5.01 -4.85
CA LEU C 151 -26.83 5.61 -4.09
C LEU C 151 -26.14 6.77 -4.84
N ASN C 152 -25.94 6.62 -6.15
CA ASN C 152 -25.34 7.68 -6.94
C ASN C 152 -26.34 8.69 -7.51
N ALA C 153 -27.61 8.58 -7.14
CA ALA C 153 -28.67 9.43 -7.66
C ALA C 153 -28.77 10.78 -7.01
N TYR C 154 -28.62 10.83 -5.67
CA TYR C 154 -28.82 12.04 -4.91
C TYR C 154 -27.63 12.55 -4.14
N ASN C 155 -27.52 13.90 -4.10
CA ASN C 155 -26.47 14.67 -3.43
C ASN C 155 -26.34 14.18 -1.96
N ARG C 156 -27.44 13.72 -1.24
CA ARG C 156 -27.37 13.21 0.19
C ARG C 156 -26.46 11.99 0.33
N THR C 157 -26.59 11.07 -0.63
CA THR C 157 -25.87 9.82 -0.61
C THR C 157 -24.48 10.04 -1.32
N ARG C 158 -24.19 11.26 -1.81
CA ARG C 158 -22.95 11.60 -2.50
C ARG C 158 -22.13 12.67 -1.78
N TYR C 159 -22.40 13.93 -2.05
CA TYR C 159 -21.62 15.02 -1.46
C TYR C 159 -21.92 15.26 0.03
N GLU C 160 -23.13 14.94 0.48
CA GLU C 160 -23.44 15.08 1.90
C GLU C 160 -22.81 13.96 2.69
N LEU C 161 -22.68 12.76 2.09
CA LEU C 161 -22.07 11.61 2.75
C LEU C 161 -20.63 11.90 2.89
N ARG C 162 -20.00 12.48 1.82
CA ARG C 162 -18.58 12.84 1.78
C ARG C 162 -18.27 13.89 2.81
N GLU C 163 -19.15 14.92 2.95
CA GLU C 163 -19.05 16.00 3.94
C GLU C 163 -19.10 15.47 5.37
N PHE C 164 -19.88 14.41 5.62
CA PHE C 164 -19.97 13.82 6.95
C PHE C 164 -18.64 13.21 7.29
N LEU C 165 -18.07 12.47 6.33
CA LEU C 165 -16.84 11.73 6.47
C LEU C 165 -15.62 12.67 6.53
N GLU C 166 -15.49 13.61 5.60
CA GLU C 166 -14.34 14.50 5.48
C GLU C 166 -14.34 15.69 6.41
N ASP C 167 -15.53 16.17 6.83
CA ASP C 167 -15.64 17.35 7.68
C ASP C 167 -16.14 17.01 9.06
N THR C 168 -17.37 16.47 9.19
CA THR C 168 -17.97 16.12 10.49
C THR C 168 -17.06 15.17 11.31
N CYS C 169 -16.72 14.02 10.73
CA CYS C 169 -15.91 12.96 11.33
C CYS C 169 -14.47 13.45 11.67
N VAL C 170 -13.81 14.11 10.72
CA VAL C 170 -12.44 14.62 10.86
C VAL C 170 -12.36 15.65 11.96
N GLN C 171 -13.29 16.64 11.97
CA GLN C 171 -13.36 17.67 12.99
C GLN C 171 -13.51 17.05 14.39
N TYR C 172 -14.35 15.98 14.51
CA TYR C 172 -14.56 15.22 15.75
C TYR C 172 -13.24 14.63 16.26
N VAL C 173 -12.40 14.09 15.35
CA VAL C 173 -11.11 13.49 15.67
C VAL C 173 -10.19 14.60 16.19
N GLN C 174 -10.10 15.71 15.44
CA GLN C 174 -9.28 16.87 15.79
C GLN C 174 -9.67 17.48 17.15
N LYS C 175 -10.98 17.54 17.44
CA LYS C 175 -11.53 18.09 18.68
C LYS C 175 -11.37 17.15 19.88
N HIS C 176 -11.66 15.84 19.72
CA HIS C 176 -11.68 14.92 20.86
C HIS C 176 -10.52 13.89 21.02
N ILE C 177 -9.30 14.13 20.50
CA ILE C 177 -8.22 13.16 20.81
C ILE C 177 -7.58 13.50 22.15
#